data_6NT7
#
_entry.id   6NT7
#
_cell.length_a   1
_cell.length_b   1
_cell.length_c   1
_cell.angle_alpha   90.000
_cell.angle_beta   90.000
_cell.angle_gamma   90.000
#
_symmetry.space_group_name_H-M   'P 1'
#
loop_
_entity.id
_entity.type
_entity.pdbx_description
1 polymer 'Stimulator of interferon genes protein'
2 non-polymer cGAMP
#
_entity_poly.entity_id   1
_entity_poly.type   'polypeptide(L)'
_entity_poly.pdbx_seq_one_letter_code
;MPQDPSTRSSPARLLIPEPRAGRARHAACVLLAVCFVVLFLSGEPLAPIIRSVCTQLAALQLGVLLKGCCCLAEEIFHLH
SRHHGSLWQVLCSCFPPRWYLALLLVGGSAYLDPPEDNGHSPRLALTLSCLCQLLVLALGLQKLSAVEVSELTESSKKNV
AHGLAWSYYIGYLKVVLPRLKECMEELSRTNPMLRAHRDTWKLHILVPLGCDIWDDLEKADSNIQYLADLPETILTRAGI
KRRVYKHSLYVIRDKDNKLRPCVLEFASPLQTLCAMSQDDCAAFSREQRLEQARLFYRSLRDILGSSKECAGLYRLIAYE
EPAEPESHFLSGLILWHLQQQQREEYMVQEELPLGTSSVELSLQVSSSDLPQPLRSDCPGIHRPDYKDDDDK
;
_entity_poly.pdbx_strand_id   A,B
#
loop_
_chem_comp.id
_chem_comp.type
_chem_comp.name
_chem_comp.formula
1SY non-polymer cGAMP 'C20 H24 N10 O13 P2'
#
# COMPACT_ATOMS: atom_id res chain seq x y z
N PRO A 11 13.92 -27.20 10.89
CA PRO A 11 13.40 -25.95 10.33
C PRO A 11 13.78 -24.74 11.17
N ALA A 12 14.00 -23.59 10.52
CA ALA A 12 14.34 -22.37 11.23
C ALA A 12 13.13 -21.83 11.99
N ARG A 13 13.40 -21.06 13.04
CA ARG A 13 12.33 -20.50 13.85
C ARG A 13 11.67 -19.34 13.12
N LEU A 14 10.36 -19.46 12.88
CA LEU A 14 9.61 -18.46 12.13
C LEU A 14 9.01 -17.46 13.10
N LEU A 15 9.58 -16.27 13.15
CA LEU A 15 9.06 -15.18 13.97
C LEU A 15 8.42 -14.18 13.02
N ILE A 16 7.14 -14.37 12.77
CA ILE A 16 6.37 -13.36 12.05
C ILE A 16 5.56 -12.59 13.08
N PRO A 17 5.36 -11.29 12.90
CA PRO A 17 4.66 -10.52 13.93
C PRO A 17 3.16 -10.80 13.93
N GLU A 18 2.64 -10.95 15.14
CA GLU A 18 1.21 -11.10 15.34
C GLU A 18 0.50 -9.78 15.05
N PRO A 19 -0.80 -9.82 14.79
CA PRO A 19 -1.58 -8.58 14.72
C PRO A 19 -1.63 -7.89 16.07
N ARG A 20 -1.95 -6.60 16.03
CA ARG A 20 -2.04 -5.80 17.24
C ARG A 20 -3.25 -6.22 18.07
N ALA A 21 -2.99 -6.60 19.32
CA ALA A 21 -4.09 -7.02 20.19
C ALA A 21 -4.84 -5.82 20.74
N GLY A 22 -4.14 -4.73 21.03
CA GLY A 22 -4.78 -3.55 21.56
C GLY A 22 -4.91 -3.51 23.06
N ARG A 23 -3.84 -3.84 23.78
CA ARG A 23 -3.84 -3.79 25.23
C ARG A 23 -3.35 -2.46 25.77
N ALA A 24 -2.98 -1.51 24.90
CA ALA A 24 -2.47 -0.23 25.36
C ALA A 24 -3.58 0.62 25.95
N ARG A 25 -4.78 0.55 25.37
CA ARG A 25 -5.95 1.20 25.93
C ARG A 25 -6.27 0.64 27.31
N HIS A 26 -6.04 -0.65 27.51
CA HIS A 26 -6.27 -1.25 28.82
C HIS A 26 -5.28 -0.73 29.86
N ALA A 27 -4.02 -0.56 29.47
CA ALA A 27 -3.03 0.00 30.39
C ALA A 27 -3.32 1.46 30.70
N ALA A 28 -3.81 2.20 29.71
CA ALA A 28 -4.21 3.58 29.95
C ALA A 28 -5.39 3.65 30.91
N CYS A 29 -6.37 2.75 30.76
CA CYS A 29 -7.52 2.72 31.65
C CYS A 29 -7.11 2.37 33.08
N VAL A 30 -6.17 1.43 33.22
CA VAL A 30 -5.70 1.05 34.55
C VAL A 30 -4.96 2.20 35.21
N LEU A 31 -4.10 2.89 34.45
CA LEU A 31 -3.39 4.03 35.01
C LEU A 31 -4.33 5.17 35.34
N LEU A 32 -5.42 5.31 34.58
CA LEU A 32 -6.45 6.29 34.89
C LEU A 32 -7.12 5.98 36.22
N ALA A 33 -7.52 4.73 36.42
CA ALA A 33 -8.22 4.35 37.64
C ALA A 33 -7.32 4.47 38.86
N VAL A 34 -6.05 4.09 38.71
CA VAL A 34 -5.09 4.22 39.81
C VAL A 34 -4.86 5.70 40.12
N CYS A 35 -4.76 6.54 39.10
CA CYS A 35 -4.54 7.95 39.37
C CYS A 35 -5.78 8.60 39.95
N PHE A 36 -6.97 8.08 39.65
CA PHE A 36 -8.17 8.57 40.31
C PHE A 36 -8.23 8.14 41.77
N VAL A 37 -7.72 6.94 42.06
CA VAL A 37 -7.66 6.47 43.45
C VAL A 37 -6.69 7.33 44.26
N VAL A 38 -5.56 7.71 43.66
CA VAL A 38 -4.65 8.59 44.38
C VAL A 38 -5.21 10.01 44.44
N LEU A 39 -6.05 10.40 43.49
CA LEU A 39 -6.82 11.64 43.65
C LEU A 39 -7.92 11.55 44.70
N PHE A 40 -8.28 10.35 45.14
CA PHE A 40 -9.22 10.23 46.25
C PHE A 40 -8.51 10.44 47.59
N LEU A 41 -7.58 9.55 47.92
CA LEU A 41 -6.88 9.58 49.20
C LEU A 41 -5.89 10.73 49.31
N ALA A 47 -15.61 16.54 43.17
CA ALA A 47 -16.65 17.55 42.98
C ALA A 47 -16.19 19.02 42.82
N PRO A 48 -15.28 19.57 43.65
CA PRO A 48 -14.89 20.97 43.41
C PRO A 48 -14.00 21.16 42.20
N ILE A 49 -13.33 20.10 41.73
CA ILE A 49 -12.32 20.25 40.71
C ILE A 49 -12.81 19.85 39.33
N ILE A 50 -14.04 19.31 39.24
CA ILE A 50 -14.55 18.74 38.00
C ILE A 50 -14.74 19.81 36.94
N ARG A 51 -15.27 20.98 37.36
CA ARG A 51 -15.34 22.14 36.48
C ARG A 51 -13.97 22.54 35.96
N SER A 52 -12.95 22.41 36.81
CA SER A 52 -11.57 22.69 36.43
C SER A 52 -11.13 21.78 35.29
N VAL A 53 -11.63 20.53 35.29
CA VAL A 53 -11.39 19.59 34.20
C VAL A 53 -11.84 20.19 32.88
N CYS A 54 -13.03 20.79 32.88
CA CYS A 54 -13.56 21.38 31.66
C CYS A 54 -12.72 22.56 31.21
N THR A 55 -12.09 23.26 32.16
CA THR A 55 -11.26 24.40 31.80
C THR A 55 -10.01 23.96 31.06
N GLN A 56 -9.63 22.70 31.23
CA GLN A 56 -8.59 22.16 30.38
C GLN A 56 -9.18 21.46 29.18
N LEU A 57 -10.37 20.86 29.33
CA LEU A 57 -10.81 19.83 28.40
C LEU A 57 -11.19 20.40 27.05
N ALA A 58 -12.05 21.42 27.04
CA ALA A 58 -12.36 22.13 25.81
C ALA A 58 -11.14 22.88 25.27
N ALA A 59 -10.16 23.15 26.13
CA ALA A 59 -8.88 23.70 25.69
C ALA A 59 -8.20 22.78 24.70
N LEU A 60 -8.40 21.48 24.82
CA LEU A 60 -7.96 20.57 23.77
C LEU A 60 -8.90 20.64 22.58
N GLN A 61 -10.21 20.64 22.84
CA GLN A 61 -11.18 20.43 21.78
C GLN A 61 -11.35 21.67 20.92
N LEU A 62 -10.85 22.82 21.38
CA LEU A 62 -10.72 23.96 20.49
C LEU A 62 -9.70 23.66 19.40
N GLY A 63 -8.52 23.19 19.80
CA GLY A 63 -7.41 23.08 18.87
C GLY A 63 -7.63 22.06 17.78
N VAL A 64 -8.33 20.97 18.11
CA VAL A 64 -8.77 20.00 17.12
C VAL A 64 -9.62 20.68 16.06
N LEU A 65 -10.58 21.51 16.50
CA LEU A 65 -11.36 22.32 15.57
C LEU A 65 -10.46 23.24 14.76
N LEU A 66 -9.43 23.79 15.40
CA LEU A 66 -8.46 24.64 14.69
C LEU A 66 -7.76 23.88 13.59
N LYS A 67 -7.45 22.60 13.83
CA LYS A 67 -6.84 21.77 12.80
C LYS A 67 -7.76 21.66 11.60
N GLY A 68 -9.06 21.49 11.86
CA GLY A 68 -10.02 21.47 10.78
C GLY A 68 -10.08 22.78 10.02
N CYS A 69 -9.91 23.89 10.75
CA CYS A 69 -9.90 25.20 10.09
C CYS A 69 -8.72 25.30 9.14
N CYS A 70 -7.56 24.81 9.56
CA CYS A 70 -6.42 24.83 8.66
C CYS A 70 -6.57 23.79 7.57
N CYS A 71 -7.35 22.73 7.81
CA CYS A 71 -7.56 21.76 6.77
C CYS A 71 -8.61 22.23 5.77
N LEU A 72 -9.28 23.36 6.04
CA LEU A 72 -10.04 24.00 5.00
C LEU A 72 -9.13 24.74 4.02
N ALA A 73 -7.88 24.96 4.42
CA ALA A 73 -6.96 25.78 3.61
C ALA A 73 -6.61 25.10 2.29
N GLU A 74 -5.93 23.96 2.35
CA GLU A 74 -5.50 23.31 1.12
C GLU A 74 -6.63 22.62 0.38
N GLU A 75 -7.64 22.14 1.11
CA GLU A 75 -8.75 21.43 0.49
C GLU A 75 -9.59 22.31 -0.43
N ILE A 76 -9.58 23.62 -0.22
CA ILE A 76 -10.30 24.50 -1.12
C ILE A 76 -9.58 24.62 -2.47
N PHE A 77 -8.32 24.22 -2.54
CA PHE A 77 -7.65 24.06 -3.81
C PHE A 77 -7.87 22.69 -4.43
N HIS A 78 -8.75 21.88 -3.85
CA HIS A 78 -8.99 20.51 -4.29
C HIS A 78 -10.48 20.23 -4.36
N LEU A 79 -11.27 21.25 -4.70
CA LEU A 79 -12.72 21.16 -4.69
C LEU A 79 -13.22 20.16 -5.72
N HIS A 80 -13.03 20.46 -7.00
CA HIS A 80 -13.53 19.58 -8.04
C HIS A 80 -12.59 18.44 -8.36
N SER A 81 -11.29 18.64 -8.20
CA SER A 81 -10.33 17.62 -8.59
C SER A 81 -10.25 16.46 -7.62
N ARG A 82 -10.85 16.57 -6.44
CA ARG A 82 -10.80 15.45 -5.52
C ARG A 82 -12.14 15.20 -4.84
N HIS A 83 -13.01 16.21 -4.80
CA HIS A 83 -14.19 16.12 -3.96
C HIS A 83 -15.49 16.59 -4.60
N HIS A 84 -15.44 17.23 -5.77
CA HIS A 84 -16.57 17.87 -6.50
C HIS A 84 -17.64 18.57 -5.64
N LEU A 87 -19.22 21.77 -1.78
CA LEU A 87 -18.83 22.34 -0.48
C LEU A 87 -18.98 21.35 0.64
N TRP A 88 -20.21 20.83 0.79
CA TRP A 88 -20.57 20.04 1.96
C TRP A 88 -19.82 18.72 2.02
N GLN A 89 -19.39 18.18 0.87
CA GLN A 89 -18.54 17.01 0.90
C GLN A 89 -17.18 17.34 1.51
N VAL A 90 -16.66 18.52 1.21
CA VAL A 90 -15.33 18.91 1.69
C VAL A 90 -15.34 19.12 3.19
N LEU A 91 -16.31 19.90 3.69
CA LEU A 91 -16.43 20.11 5.13
C LEU A 91 -16.84 18.84 5.85
N CYS A 92 -17.56 17.95 5.17
CA CYS A 92 -17.83 16.64 5.73
C CYS A 92 -16.55 15.85 5.91
N SER A 93 -15.63 15.96 4.96
CA SER A 93 -14.36 15.25 5.04
C SER A 93 -13.32 15.98 5.88
N CYS A 94 -13.60 17.21 6.32
CA CYS A 94 -12.54 18.07 6.84
C CYS A 94 -12.10 17.72 8.26
N PHE A 95 -12.99 17.83 9.24
CA PHE A 95 -12.67 17.55 10.63
C PHE A 95 -13.09 16.12 11.02
N PRO A 96 -12.67 15.62 12.18
CA PRO A 96 -13.22 14.37 12.73
C PRO A 96 -14.73 14.43 12.88
N PRO A 97 -15.42 13.27 12.76
CA PRO A 97 -16.87 13.30 12.52
C PRO A 97 -17.71 13.71 13.72
N ARG A 98 -17.18 13.58 14.92
CA ARG A 98 -17.90 14.00 16.12
C ARG A 98 -17.47 15.42 16.47
N TRP A 99 -17.94 16.36 15.65
CA TRP A 99 -17.56 17.76 15.77
C TRP A 99 -18.37 18.51 16.82
N TYR A 100 -19.55 18.01 17.16
CA TYR A 100 -20.44 18.77 18.03
C TYR A 100 -20.04 18.68 19.50
N LEU A 101 -19.26 17.65 19.88
CA LEU A 101 -18.79 17.55 21.25
C LEU A 101 -17.85 18.69 21.59
N ALA A 102 -17.04 19.12 20.62
CA ALA A 102 -16.08 20.20 20.84
C ALA A 102 -16.80 21.52 21.09
N LEU A 103 -17.79 21.84 20.25
CA LEU A 103 -18.53 23.08 20.45
C LEU A 103 -19.40 23.02 21.70
N LEU A 104 -19.91 21.84 22.03
CA LEU A 104 -20.64 21.63 23.27
C LEU A 104 -19.75 21.92 24.47
N LEU A 105 -18.49 21.52 24.40
CA LEU A 105 -17.58 21.81 25.51
C LEU A 105 -17.07 23.24 25.49
N VAL A 106 -17.02 23.88 24.32
CA VAL A 106 -16.60 25.28 24.26
C VAL A 106 -17.67 26.17 24.88
N GLY A 107 -18.94 25.82 24.70
CA GLY A 107 -20.01 26.63 25.28
C GLY A 107 -20.06 26.60 26.79
N GLY A 108 -19.55 25.54 27.41
CA GLY A 108 -19.62 25.41 28.84
C GLY A 108 -18.45 26.05 29.56
N SER A 109 -18.44 27.38 29.64
CA SER A 109 -17.39 28.08 30.38
C SER A 109 -17.97 28.91 31.51
N LEU A 126 -8.12 31.55 27.07
CA LEU A 126 -8.96 32.09 26.01
C LEU A 126 -8.12 32.30 24.76
N THR A 127 -7.61 33.52 24.59
CA THR A 127 -6.71 33.81 23.49
C THR A 127 -5.39 33.10 23.68
N LEU A 128 -5.00 32.89 24.93
CA LEU A 128 -3.79 32.11 25.25
C LEU A 128 -3.92 30.68 24.74
N SER A 129 -5.10 30.08 24.90
CA SER A 129 -5.31 28.70 24.44
C SER A 129 -5.23 28.60 22.93
N CYS A 130 -5.87 29.55 22.23
CA CYS A 130 -5.85 29.57 20.78
C CYS A 130 -4.46 29.80 20.25
N LEU A 131 -3.70 30.71 20.88
CA LEU A 131 -2.35 31.00 20.44
C LEU A 131 -1.42 29.83 20.74
N CYS A 132 -1.68 29.10 21.82
CA CYS A 132 -0.86 27.93 22.11
C CYS A 132 -1.10 26.81 21.11
N GLN A 133 -2.36 26.58 20.76
CA GLN A 133 -2.67 25.56 19.77
C GLN A 133 -2.14 25.93 18.39
N LEU A 134 -2.22 27.22 18.04
CA LEU A 134 -1.65 27.66 16.77
C LEU A 134 -0.13 27.58 16.78
N LEU A 135 0.49 27.84 17.92
CA LEU A 135 1.95 27.74 17.99
C LEU A 135 2.39 26.29 17.93
N VAL A 136 1.54 25.37 18.36
CA VAL A 136 1.82 23.96 18.17
C VAL A 136 1.67 23.60 16.70
N LEU A 137 0.56 23.99 16.09
CA LEU A 137 0.28 23.59 14.71
C LEU A 137 1.19 24.25 13.69
N ALA A 138 1.79 25.38 14.03
CA ALA A 138 2.73 26.00 13.10
C ALA A 138 4.03 25.22 13.03
N LEU A 139 4.61 24.91 14.19
CA LEU A 139 5.91 24.27 14.20
C LEU A 139 5.85 22.77 13.92
N GLY A 140 4.66 22.17 14.00
CA GLY A 140 4.51 20.78 13.64
C GLY A 140 5.14 19.81 14.62
N LEU A 141 4.80 19.94 15.89
CA LEU A 141 5.28 19.02 16.91
C LEU A 141 4.32 17.85 17.12
N GLN A 142 3.28 17.74 16.31
CA GLN A 142 2.38 16.59 16.34
C GLN A 142 2.77 15.59 15.25
N LYS A 143 4.02 15.15 15.31
CA LYS A 143 4.53 14.13 14.40
C LYS A 143 4.46 12.77 15.08
N LEU A 144 3.80 11.82 14.43
CA LEU A 144 3.60 10.51 15.02
C LEU A 144 4.90 9.71 15.01
N SER A 145 4.98 8.76 15.93
CA SER A 145 6.20 8.00 16.13
C SER A 145 6.23 6.82 15.16
N ALA A 146 7.20 5.93 15.37
CA ALA A 146 7.35 4.78 14.48
C ALA A 146 6.24 3.76 14.71
N VAL A 147 5.91 3.50 15.97
CA VAL A 147 4.95 2.45 16.27
C VAL A 147 3.54 2.88 15.91
N GLU A 148 3.26 4.19 15.97
CA GLU A 148 1.93 4.67 15.63
C GLU A 148 1.68 4.57 14.14
N VAL A 149 2.66 4.97 13.32
CA VAL A 149 2.48 4.85 11.88
C VAL A 149 2.56 3.38 11.46
N SER A 150 3.24 2.55 12.24
CA SER A 150 3.28 1.12 11.94
C SER A 150 1.93 0.47 12.16
N GLU A 151 1.28 0.79 13.29
CA GLU A 151 -0.05 0.24 13.55
C GLU A 151 -1.07 0.83 12.61
N LEU A 152 -0.91 2.09 12.22
CA LEU A 152 -1.83 2.68 11.26
C LEU A 152 -1.66 2.08 9.87
N THR A 153 -0.43 1.70 9.52
CA THR A 153 -0.17 1.06 8.24
C THR A 153 -0.75 -0.34 8.21
N GLU A 154 -0.28 -1.21 9.10
CA GLU A 154 -0.69 -2.60 9.07
C GLU A 154 -2.10 -2.83 9.60
N SER A 155 -2.72 -1.81 10.20
CA SER A 155 -4.11 -1.93 10.62
C SER A 155 -5.04 -1.84 9.42
N SER A 156 -4.91 -0.79 8.64
CA SER A 156 -5.69 -0.66 7.43
C SER A 156 -5.20 -1.66 6.39
N LYS A 157 -6.10 -2.07 5.52
CA LYS A 157 -5.75 -2.98 4.43
C LYS A 157 -5.42 -2.20 3.16
N LYS A 158 -4.50 -1.24 3.29
CA LYS A 158 -4.18 -0.37 2.16
C LYS A 158 -2.68 -0.13 2.03
N ASN A 159 -1.85 -0.98 2.61
CA ASN A 159 -0.41 -0.90 2.51
C ASN A 159 0.08 -1.58 1.24
N VAL A 160 1.39 -1.77 1.12
CA VAL A 160 1.95 -2.39 -0.08
C VAL A 160 1.69 -3.89 -0.06
N ALA A 161 2.00 -4.54 1.05
CA ALA A 161 2.05 -6.00 1.09
C ALA A 161 0.68 -6.63 0.94
N HIS A 162 -0.35 -6.03 1.52
CA HIS A 162 -1.68 -6.61 1.41
C HIS A 162 -2.24 -6.49 0.01
N GLY A 163 -2.03 -5.34 -0.63
CA GLY A 163 -2.49 -5.18 -2.01
C GLY A 163 -1.72 -6.05 -2.98
N LEU A 164 -0.42 -6.18 -2.76
CA LEU A 164 0.38 -7.04 -3.62
C LEU A 164 0.05 -8.52 -3.40
N ALA A 165 -0.30 -8.89 -2.17
CA ALA A 165 -0.74 -10.25 -1.92
C ALA A 165 -2.09 -10.53 -2.54
N TRP A 166 -2.97 -9.53 -2.56
CA TRP A 166 -4.25 -9.68 -3.26
C TRP A 166 -4.02 -9.82 -4.76
N SER A 167 -3.04 -9.10 -5.29
CA SER A 167 -2.70 -9.24 -6.70
C SER A 167 -2.20 -10.63 -7.02
N TYR A 168 -1.33 -11.16 -6.17
CA TYR A 168 -0.81 -12.51 -6.40
C TYR A 168 -1.87 -13.57 -6.19
N TYR A 169 -2.87 -13.29 -5.37
CA TYR A 169 -3.92 -14.28 -5.18
C TYR A 169 -4.90 -14.28 -6.34
N ILE A 170 -5.31 -13.10 -6.78
CA ILE A 170 -6.35 -13.02 -7.80
C ILE A 170 -5.78 -13.32 -9.18
N GLY A 171 -4.63 -12.75 -9.50
CA GLY A 171 -4.11 -12.86 -10.85
C GLY A 171 -3.59 -14.25 -11.19
N TYR A 172 -2.97 -14.92 -10.22
CA TYR A 172 -2.30 -16.18 -10.50
C TYR A 172 -2.94 -17.35 -9.78
N LEU A 173 -3.04 -17.29 -8.46
CA LEU A 173 -3.42 -18.47 -7.69
C LEU A 173 -4.89 -18.81 -7.87
N LYS A 174 -5.73 -17.81 -8.11
CA LYS A 174 -7.13 -18.08 -8.33
C LYS A 174 -7.36 -18.78 -9.65
N VAL A 175 -6.46 -18.59 -10.61
CA VAL A 175 -6.68 -19.09 -11.96
C VAL A 175 -6.00 -20.44 -12.17
N VAL A 176 -4.74 -20.57 -11.76
CA VAL A 176 -3.95 -21.73 -12.17
C VAL A 176 -4.33 -22.96 -11.35
N LEU A 177 -4.34 -22.82 -10.02
CA LEU A 177 -4.52 -23.89 -9.05
C LEU A 177 -5.69 -24.84 -9.26
N PRO A 178 -6.88 -24.43 -9.73
CA PRO A 178 -7.89 -25.45 -10.05
C PRO A 178 -7.54 -26.30 -11.25
N ARG A 179 -6.68 -25.84 -12.14
CA ARG A 179 -6.31 -26.62 -13.30
C ARG A 179 -5.01 -27.40 -13.08
N LEU A 180 -4.61 -27.62 -11.83
CA LEU A 180 -3.32 -28.25 -11.58
C LEU A 180 -3.37 -29.77 -11.75
N LYS A 181 -4.41 -30.39 -11.18
CA LYS A 181 -4.49 -31.85 -11.15
C LYS A 181 -4.62 -32.45 -12.53
N GLU A 182 -5.26 -31.75 -13.45
CA GLU A 182 -5.44 -32.27 -14.79
C GLU A 182 -4.13 -32.29 -15.55
N CYS A 183 -3.31 -31.24 -15.40
CA CYS A 183 -2.00 -31.24 -16.02
C CYS A 183 -1.08 -32.26 -15.36
N MET A 184 -1.23 -32.44 -14.05
CA MET A 184 -0.45 -33.47 -13.35
C MET A 184 -0.81 -34.86 -13.84
N GLU A 185 -2.09 -35.11 -14.10
CA GLU A 185 -2.50 -36.40 -14.62
C GLU A 185 -2.06 -36.57 -16.07
N GLU A 186 -2.00 -35.48 -16.82
CA GLU A 186 -1.54 -35.57 -18.21
C GLU A 186 -0.06 -35.88 -18.27
N LEU A 187 0.73 -35.31 -17.36
CA LEU A 187 2.12 -35.74 -17.26
C LEU A 187 2.23 -37.11 -16.63
N SER A 188 1.20 -37.54 -15.88
CA SER A 188 1.25 -38.85 -15.25
C SER A 188 1.13 -39.97 -16.28
N ARG A 189 0.49 -39.70 -17.40
CA ARG A 189 0.42 -40.67 -18.50
C ARG A 189 1.57 -40.50 -19.48
N THR A 190 2.70 -39.99 -19.01
CA THR A 190 3.89 -39.89 -19.84
C THR A 190 4.98 -40.80 -19.28
N HIS A 197 1.81 -41.42 -5.59
CA HIS A 197 2.38 -40.12 -5.25
C HIS A 197 1.34 -39.03 -5.29
N ARG A 198 0.07 -39.40 -5.11
CA ARG A 198 -1.01 -38.44 -5.20
C ARG A 198 -1.07 -37.51 -4.00
N ASP A 199 -0.38 -37.87 -2.91
CA ASP A 199 -0.35 -37.03 -1.72
C ASP A 199 0.42 -35.75 -1.93
N THR A 200 1.36 -35.75 -2.87
CA THR A 200 2.30 -34.66 -3.04
C THR A 200 1.99 -33.77 -4.24
N TRP A 201 0.88 -34.03 -4.93
CA TRP A 201 0.50 -33.24 -6.11
C TRP A 201 0.01 -31.89 -5.62
N LYS A 202 0.96 -31.00 -5.35
CA LYS A 202 0.65 -29.69 -4.83
C LYS A 202 1.55 -28.67 -5.50
N LEU A 203 1.53 -27.45 -5.00
CA LEU A 203 2.36 -26.37 -5.53
C LEU A 203 3.03 -25.68 -4.37
N HIS A 204 4.25 -26.10 -4.03
CA HIS A 204 4.97 -25.43 -2.95
C HIS A 204 5.47 -24.08 -3.45
N ILE A 205 5.05 -23.02 -2.80
CA ILE A 205 5.51 -21.69 -3.13
C ILE A 205 6.65 -21.34 -2.18
N LEU A 206 7.86 -21.23 -2.72
CA LEU A 206 8.98 -20.80 -1.90
C LEU A 206 8.86 -19.32 -1.62
N VAL A 207 8.84 -18.96 -0.34
CA VAL A 207 8.76 -17.55 0.03
C VAL A 207 10.01 -17.22 0.85
N PRO A 208 11.07 -16.77 0.22
CA PRO A 208 12.29 -16.46 0.98
C PRO A 208 12.18 -15.12 1.68
N LEU A 209 12.00 -15.17 2.99
CA LEU A 209 11.91 -13.93 3.78
C LEU A 209 13.32 -13.36 3.89
N GLY A 210 13.69 -12.61 2.87
CA GLY A 210 15.03 -12.06 2.81
C GLY A 210 15.33 -11.38 1.49
N CYS A 211 16.54 -11.58 0.99
CA CYS A 211 17.01 -10.89 -0.21
C CYS A 211 17.29 -11.82 -1.37
N ASP A 212 17.74 -13.04 -1.11
CA ASP A 212 18.13 -13.96 -2.17
C ASP A 212 16.90 -14.46 -2.91
N ILE A 213 16.79 -14.10 -4.19
CA ILE A 213 15.79 -14.65 -5.09
C ILE A 213 16.51 -15.02 -6.38
N TRP A 214 16.43 -16.27 -6.77
CA TRP A 214 17.21 -16.79 -7.88
C TRP A 214 16.29 -17.23 -9.01
N ASP A 215 16.72 -16.96 -10.24
CA ASP A 215 15.96 -17.43 -11.38
C ASP A 215 16.27 -18.89 -11.69
N ASP A 216 17.52 -19.31 -11.54
CA ASP A 216 17.95 -20.67 -11.84
C ASP A 216 17.99 -21.44 -10.53
N LEU A 217 16.98 -22.25 -10.27
CA LEU A 217 17.00 -23.08 -9.07
C LEU A 217 18.00 -24.22 -9.16
N GLU A 218 18.53 -24.53 -10.35
CA GLU A 218 19.59 -25.51 -10.39
C GLU A 218 20.90 -24.95 -9.87
N LYS A 219 21.06 -23.62 -9.89
CA LYS A 219 22.17 -22.98 -9.20
C LYS A 219 21.96 -22.91 -7.70
N ALA A 220 20.75 -23.17 -7.23
CA ALA A 220 20.51 -23.09 -5.80
C ALA A 220 21.10 -24.28 -5.07
N ASP A 221 21.03 -25.46 -5.66
CA ASP A 221 21.67 -26.63 -5.08
C ASP A 221 21.97 -27.62 -6.19
N SER A 222 22.95 -28.47 -5.93
CA SER A 222 23.22 -29.59 -6.83
C SER A 222 22.12 -30.63 -6.77
N ASN A 223 21.35 -30.68 -5.70
CA ASN A 223 20.32 -31.70 -5.57
C ASN A 223 19.09 -31.38 -6.40
N ILE A 224 18.75 -30.10 -6.52
CA ILE A 224 17.57 -29.69 -7.26
C ILE A 224 17.85 -29.83 -8.75
N GLN A 225 17.04 -30.62 -9.44
CA GLN A 225 17.24 -30.86 -10.85
C GLN A 225 15.98 -30.55 -11.63
N TYR A 226 16.14 -29.97 -12.81
CA TYR A 226 15.02 -29.74 -13.70
C TYR A 226 14.75 -30.99 -14.52
N LEU A 227 13.47 -31.35 -14.63
CA LEU A 227 13.09 -32.51 -15.44
C LEU A 227 12.26 -32.11 -16.64
N ALA A 228 11.12 -31.46 -16.44
CA ALA A 228 10.20 -31.14 -17.52
C ALA A 228 9.27 -30.03 -17.04
N ASP A 229 8.26 -29.75 -17.83
CA ASP A 229 7.28 -28.72 -17.50
C ASP A 229 5.89 -29.27 -17.70
N LEU A 230 4.93 -28.63 -17.04
CA LEU A 230 3.54 -29.03 -17.17
C LEU A 230 2.99 -28.55 -18.50
N PRO A 231 1.88 -29.15 -18.96
CA PRO A 231 1.14 -28.55 -20.07
C PRO A 231 0.60 -27.18 -19.68
N GLU A 232 0.60 -26.27 -20.64
CA GLU A 232 0.38 -24.86 -20.39
C GLU A 232 -1.09 -24.55 -20.15
N THR A 233 -1.36 -23.28 -19.90
CA THR A 233 -2.72 -22.78 -19.73
C THR A 233 -2.87 -21.53 -20.59
N ILE A 234 -3.92 -21.49 -21.40
CA ILE A 234 -4.13 -20.42 -22.36
C ILE A 234 -5.41 -19.69 -22.00
N LEU A 235 -5.31 -18.40 -21.71
CA LEU A 235 -6.48 -17.61 -21.35
C LEU A 235 -6.38 -16.22 -21.92
N THR A 236 -7.48 -15.71 -22.47
CA THR A 236 -7.53 -14.34 -22.96
C THR A 236 -7.83 -13.44 -21.78
N ARG A 237 -6.81 -12.76 -21.27
CA ARG A 237 -6.91 -11.99 -20.04
C ARG A 237 -6.49 -10.56 -20.31
N ALA A 238 -7.39 -9.62 -20.01
CA ALA A 238 -7.12 -8.18 -20.01
C ALA A 238 -6.64 -7.69 -21.37
N GLY A 239 -7.35 -8.06 -22.42
CA GLY A 239 -7.04 -7.62 -23.75
C GLY A 239 -5.99 -8.43 -24.47
N ILE A 240 -5.06 -9.04 -23.74
CA ILE A 240 -4.10 -9.93 -24.36
C ILE A 240 -4.80 -11.22 -24.72
N LYS A 241 -4.76 -11.57 -26.01
CA LYS A 241 -5.32 -12.83 -26.44
C LYS A 241 -4.28 -13.92 -26.28
N ARG A 242 -4.69 -15.05 -25.71
CA ARG A 242 -3.87 -16.25 -25.48
C ARG A 242 -2.64 -15.94 -24.62
N ARG A 243 -2.91 -15.45 -23.42
CA ARG A 243 -1.87 -15.36 -22.40
C ARG A 243 -1.58 -16.76 -21.88
N VAL A 244 -0.30 -17.05 -21.67
CA VAL A 244 0.18 -18.41 -21.41
C VAL A 244 0.75 -18.46 -20.00
N TYR A 245 0.25 -19.40 -19.20
CA TYR A 245 0.79 -19.72 -17.89
C TYR A 245 1.46 -21.08 -17.96
N LYS A 246 2.67 -21.18 -17.42
CA LYS A 246 3.42 -22.42 -17.46
C LYS A 246 3.80 -22.83 -16.04
N HIS A 247 4.54 -23.92 -15.94
CA HIS A 247 5.03 -24.41 -14.66
C HIS A 247 6.31 -25.21 -14.92
N SER A 248 6.77 -25.91 -13.88
CA SER A 248 7.93 -26.77 -14.03
C SER A 248 7.89 -27.84 -12.96
N LEU A 249 8.56 -28.95 -13.24
CA LEU A 249 8.58 -30.11 -12.37
C LEU A 249 10.02 -30.42 -11.99
N TYR A 250 10.29 -30.44 -10.69
CA TYR A 250 11.64 -30.64 -10.19
C TYR A 250 11.71 -31.95 -9.43
N VAL A 251 12.69 -32.77 -9.76
CA VAL A 251 12.94 -34.03 -9.06
C VAL A 251 14.09 -33.80 -8.10
N ILE A 252 13.85 -34.08 -6.82
CA ILE A 252 14.83 -33.91 -5.76
C ILE A 252 15.08 -35.27 -5.15
N ARG A 253 16.34 -35.69 -5.11
CA ARG A 253 16.66 -37.06 -4.73
C ARG A 253 17.72 -37.07 -3.65
N ASP A 254 18.11 -38.28 -3.26
CA ASP A 254 19.19 -38.49 -2.32
C ASP A 254 20.24 -39.41 -2.94
N LEU A 259 14.37 -39.13 -3.29
CA LEU A 259 13.97 -39.74 -4.55
C LEU A 259 12.52 -39.39 -4.84
N ARG A 260 12.22 -38.09 -4.90
CA ARG A 260 10.84 -37.63 -4.95
C ARG A 260 10.68 -36.45 -5.88
N PRO A 261 9.58 -36.39 -6.62
CA PRO A 261 9.28 -35.22 -7.44
C PRO A 261 8.38 -34.23 -6.71
N CYS A 262 8.41 -32.99 -7.19
CA CYS A 262 7.48 -31.98 -6.72
C CYS A 262 7.42 -30.86 -7.73
N VAL A 263 6.36 -30.09 -7.64
CA VAL A 263 6.24 -28.82 -8.34
C VAL A 263 6.67 -27.73 -7.39
N LEU A 264 7.29 -26.68 -7.91
CA LEU A 264 7.95 -25.73 -7.04
C LEU A 264 8.21 -24.44 -7.81
N GLU A 265 7.95 -23.31 -7.17
CA GLU A 265 8.28 -22.03 -7.77
C GLU A 265 8.43 -20.99 -6.67
N PHE A 266 9.02 -19.86 -7.02
CA PHE A 266 9.16 -18.75 -6.09
C PHE A 266 7.94 -17.85 -6.10
N ALA A 267 7.66 -17.26 -4.95
CA ALA A 267 6.70 -16.17 -4.89
C ALA A 267 7.33 -14.98 -5.59
N SER A 268 6.85 -14.71 -6.80
CA SER A 268 7.48 -13.72 -7.66
C SER A 268 7.55 -12.28 -7.13
N PRO A 269 6.50 -11.64 -6.58
CA PRO A 269 6.56 -10.18 -6.44
C PRO A 269 7.45 -9.70 -5.31
N LEU A 270 7.99 -10.61 -4.50
CA LEU A 270 9.07 -10.27 -3.59
C LEU A 270 10.26 -9.70 -4.33
N GLN A 271 10.52 -10.22 -5.54
CA GLN A 271 11.50 -9.66 -6.45
C GLN A 271 11.25 -8.18 -6.70
N THR A 272 9.98 -7.79 -6.83
CA THR A 272 9.62 -6.38 -6.95
C THR A 272 10.10 -5.58 -5.76
N LEU A 273 9.89 -6.10 -4.55
CA LEU A 273 10.39 -5.44 -3.36
C LEU A 273 11.91 -5.41 -3.35
N CYS A 274 12.53 -6.43 -3.95
CA CYS A 274 13.99 -6.47 -4.07
C CYS A 274 14.50 -5.37 -4.99
N ALA A 275 13.67 -4.80 -5.84
CA ALA A 275 14.07 -3.64 -6.61
C ALA A 275 13.41 -2.35 -6.13
N MET A 276 12.59 -2.40 -5.09
CA MET A 276 11.96 -1.18 -4.62
C MET A 276 12.80 -0.44 -3.60
N SER A 277 13.96 -0.98 -3.22
CA SER A 277 14.87 -0.31 -2.31
C SER A 277 16.30 -0.27 -2.83
N GLN A 278 16.70 -1.27 -3.61
CA GLN A 278 18.04 -1.28 -4.21
C GLN A 278 18.19 -0.14 -5.22
N ASP A 279 17.18 0.05 -6.06
CA ASP A 279 17.20 1.16 -7.00
C ASP A 279 16.95 2.50 -6.32
N ASP A 280 16.40 2.47 -5.10
CA ASP A 280 16.25 3.61 -4.20
C ASP A 280 15.34 4.69 -4.76
N CYS A 281 14.53 4.36 -5.76
CA CYS A 281 13.56 5.32 -6.28
C CYS A 281 12.30 5.37 -5.44
N ALA A 282 12.17 4.47 -4.47
CA ALA A 282 11.09 4.51 -3.49
C ALA A 282 11.71 4.61 -2.10
N ALA A 283 11.02 5.33 -1.21
CA ALA A 283 11.48 5.47 0.17
C ALA A 283 11.27 4.14 0.87
N PHE A 284 12.32 3.32 0.93
CA PHE A 284 12.16 1.95 1.36
C PHE A 284 13.52 1.43 1.85
N SER A 285 13.51 0.81 3.03
CA SER A 285 14.73 0.37 3.68
C SER A 285 14.74 -1.15 3.80
N ARG A 286 15.91 -1.69 4.15
CA ARG A 286 16.09 -3.13 4.23
C ARG A 286 15.39 -3.75 5.43
N GLU A 287 15.40 -3.04 6.56
CA GLU A 287 14.69 -3.50 7.74
C GLU A 287 13.19 -3.48 7.49
N GLN A 288 12.70 -2.42 6.87
CA GLN A 288 11.34 -2.40 6.38
C GLN A 288 11.12 -3.38 5.24
N ARG A 289 12.17 -3.76 4.50
CA ARG A 289 12.00 -4.80 3.49
C ARG A 289 11.71 -6.15 4.13
N LEU A 290 12.45 -6.49 5.19
CA LEU A 290 12.18 -7.71 5.93
C LEU A 290 10.82 -7.65 6.60
N GLU A 291 10.46 -6.48 7.12
CA GLU A 291 9.14 -6.29 7.72
C GLU A 291 8.02 -6.47 6.70
N GLN A 292 8.17 -5.90 5.51
CA GLN A 292 7.16 -6.03 4.48
C GLN A 292 7.10 -7.44 3.94
N ALA A 293 8.22 -8.14 3.89
CA ALA A 293 8.19 -9.54 3.45
C ALA A 293 7.46 -10.42 4.45
N ARG A 294 7.71 -10.21 5.74
CA ARG A 294 6.98 -10.97 6.75
C ARG A 294 5.50 -10.62 6.72
N LEU A 295 5.18 -9.36 6.49
CA LEU A 295 3.80 -8.94 6.36
C LEU A 295 3.13 -9.56 5.14
N PHE A 296 3.90 -9.72 4.06
CA PHE A 296 3.38 -10.33 2.84
C PHE A 296 3.08 -11.80 3.06
N TYR A 297 3.98 -12.51 3.73
CA TYR A 297 3.74 -13.93 4.01
C TYR A 297 2.56 -14.10 4.95
N ARG A 298 2.41 -13.18 5.92
CA ARG A 298 1.28 -13.26 6.83
C ARG A 298 -0.03 -13.01 6.11
N SER A 299 -0.06 -12.02 5.22
CA SER A 299 -1.28 -11.71 4.49
C SER A 299 -1.64 -12.82 3.51
N LEU A 300 -0.63 -13.44 2.90
CA LEU A 300 -0.92 -14.54 1.98
C LEU A 300 -1.40 -15.76 2.72
N ARG A 301 -0.84 -16.00 3.92
CA ARG A 301 -1.32 -17.09 4.77
C ARG A 301 -2.75 -16.85 5.20
N ASP A 302 -3.11 -15.59 5.46
CA ASP A 302 -4.48 -15.28 5.85
C ASP A 302 -5.43 -15.47 4.68
N ILE A 303 -5.04 -15.03 3.48
CA ILE A 303 -5.92 -15.11 2.32
C ILE A 303 -6.15 -16.55 1.92
N LEU A 304 -5.08 -17.35 1.90
CA LEU A 304 -5.28 -18.76 1.61
C LEU A 304 -5.85 -19.53 2.78
N GLY A 305 -5.89 -18.93 3.98
CA GLY A 305 -6.62 -19.55 5.07
C GLY A 305 -8.12 -19.57 4.83
N SER A 306 -8.70 -18.43 4.49
CA SER A 306 -10.11 -18.33 4.19
C SER A 306 -10.41 -18.57 2.71
N SER A 307 -9.49 -19.15 1.97
CA SER A 307 -9.75 -19.50 0.59
C SER A 307 -10.71 -20.67 0.52
N LYS A 308 -11.40 -20.79 -0.61
CA LYS A 308 -12.38 -21.84 -0.77
C LYS A 308 -12.17 -22.70 -2.00
N GLU A 309 -11.53 -22.18 -3.04
CA GLU A 309 -11.21 -23.00 -4.19
C GLU A 309 -9.91 -23.76 -3.98
N CYS A 310 -8.90 -23.09 -3.43
CA CYS A 310 -7.60 -23.68 -3.19
C CYS A 310 -7.70 -24.65 -2.02
N ALA A 311 -7.96 -25.92 -2.30
CA ALA A 311 -8.31 -26.86 -1.25
C ALA A 311 -7.12 -27.24 -0.40
N GLY A 312 -6.14 -27.89 -1.01
CA GLY A 312 -4.93 -28.23 -0.30
C GLY A 312 -3.77 -28.15 -1.25
N LEU A 313 -4.04 -27.57 -2.42
CA LEU A 313 -3.10 -27.61 -3.53
C LEU A 313 -1.91 -26.70 -3.33
N TYR A 314 -2.02 -25.71 -2.46
CA TYR A 314 -0.89 -24.88 -2.11
C TYR A 314 -0.23 -25.43 -0.85
N ARG A 315 1.01 -25.03 -0.64
CA ARG A 315 1.73 -25.39 0.58
C ARG A 315 2.82 -24.32 0.76
N LEU A 316 2.57 -23.39 1.66
CA LEU A 316 3.47 -22.25 1.82
C LEU A 316 4.72 -22.68 2.57
N ILE A 317 5.86 -22.56 1.91
CA ILE A 317 7.15 -22.76 2.55
C ILE A 317 7.83 -21.42 2.64
N ALA A 318 8.18 -21.01 3.85
CA ALA A 318 8.86 -19.76 4.07
C ALA A 318 10.04 -20.01 5.00
N TYR A 319 11.05 -19.15 4.87
CA TYR A 319 12.29 -19.38 5.60
C TYR A 319 13.08 -18.08 5.65
N GLU A 320 14.06 -18.04 6.54
CA GLU A 320 15.12 -17.07 6.51
C GLU A 320 16.43 -17.76 6.16
N GLU A 321 17.42 -16.96 5.79
CA GLU A 321 18.75 -17.50 5.63
C GLU A 321 19.40 -17.64 7.00
N PRO A 322 19.77 -18.84 7.44
CA PRO A 322 20.39 -19.04 8.75
C PRO A 322 21.82 -18.49 8.82
N HIS A 328 22.84 -28.65 -0.08
CA HIS A 328 23.11 -27.81 1.08
C HIS A 328 21.94 -27.78 2.06
N PHE A 329 21.16 -26.71 1.98
CA PHE A 329 20.15 -26.36 2.97
C PHE A 329 18.75 -26.34 2.42
N LEU A 330 18.56 -25.64 1.30
CA LEU A 330 17.23 -25.42 0.75
C LEU A 330 16.58 -26.73 0.34
N SER A 331 17.38 -27.64 -0.22
CA SER A 331 16.87 -28.96 -0.54
C SER A 331 16.51 -29.75 0.72
N GLY A 332 17.24 -29.52 1.81
CA GLY A 332 16.89 -30.18 3.05
C GLY A 332 15.56 -29.70 3.61
N LEU A 333 15.32 -28.39 3.51
CA LEU A 333 14.03 -27.86 3.94
C LEU A 333 12.90 -28.34 3.05
N ILE A 334 13.16 -28.43 1.74
CA ILE A 334 12.15 -28.91 0.80
C ILE A 334 11.81 -30.36 1.09
N LEU A 335 12.83 -31.16 1.38
CA LEU A 335 12.60 -32.56 1.71
C LEU A 335 11.88 -32.71 3.04
N TRP A 336 12.11 -31.79 3.98
CA TRP A 336 11.41 -31.88 5.25
C TRP A 336 9.93 -31.58 5.10
N HIS A 337 9.60 -30.52 4.34
CA HIS A 337 8.20 -30.26 4.03
C HIS A 337 7.58 -31.37 3.19
N LEU A 338 8.37 -32.01 2.35
CA LEU A 338 7.82 -33.03 1.47
C LEU A 338 7.54 -34.31 2.24
N GLN A 339 8.39 -34.65 3.19
CA GLN A 339 8.17 -35.84 4.00
C GLN A 339 7.20 -35.58 5.13
N GLN A 340 6.97 -34.31 5.48
CA GLN A 340 6.09 -33.99 6.59
C GLN A 340 4.64 -34.36 6.31
N GLN A 341 4.19 -34.20 5.08
CA GLN A 341 2.81 -34.53 4.74
C GLN A 341 2.60 -36.03 4.62
N GLN A 342 3.67 -36.80 4.55
CA GLN A 342 3.57 -38.24 4.47
C GLN A 342 4.21 -38.89 5.69
N PRO B 11 -11.65 14.67 -26.47
CA PRO B 11 -11.22 13.92 -25.29
C PRO B 11 -11.91 14.40 -24.03
N ALA B 12 -12.16 13.48 -23.10
CA ALA B 12 -12.80 13.83 -21.83
C ALA B 12 -11.84 14.61 -20.94
N ARG B 13 -12.39 15.41 -20.04
CA ARG B 13 -11.57 16.22 -19.15
C ARG B 13 -10.96 15.34 -18.06
N LEU B 14 -9.64 15.34 -17.99
CA LEU B 14 -8.91 14.49 -17.04
C LEU B 14 -8.64 15.29 -15.78
N LEU B 15 -9.38 14.98 -14.72
CA LEU B 15 -9.17 15.60 -13.42
C LEU B 15 -8.51 14.55 -12.53
N ILE B 16 -7.19 14.53 -12.54
CA ILE B 16 -6.46 13.72 -11.58
C ILE B 16 -5.97 14.66 -10.48
N PRO B 17 -5.92 14.22 -9.23
CA PRO B 17 -5.53 15.14 -8.16
C PRO B 17 -4.04 15.42 -8.15
N GLU B 18 -3.72 16.69 -7.97
CA GLU B 18 -2.34 17.12 -7.82
C GLU B 18 -1.79 16.65 -6.48
N PRO B 19 -0.47 16.59 -6.34
CA PRO B 19 0.12 16.36 -5.03
C PRO B 19 -0.16 17.51 -4.08
N ARG B 20 -0.02 17.22 -2.79
CA ARG B 20 -0.28 18.22 -1.76
C ARG B 20 0.81 19.28 -1.78
N ALA B 21 0.40 20.54 -1.95
CA ALA B 21 1.36 21.63 -1.98
C ALA B 21 1.83 22.00 -0.58
N GLY B 22 0.94 21.93 0.41
CA GLY B 22 1.31 22.26 1.76
C GLY B 22 1.15 23.72 2.12
N ARG B 23 0.03 24.32 1.76
CA ARG B 23 -0.23 25.71 2.10
C ARG B 23 -1.00 25.87 3.41
N ALA B 24 -1.34 24.75 4.07
CA ALA B 24 -2.10 24.83 5.32
C ALA B 24 -1.25 25.36 6.45
N ARG B 25 0.03 24.99 6.48
CA ARG B 25 0.98 25.56 7.42
C ARG B 25 1.13 27.06 7.22
N HIS B 26 1.05 27.52 5.97
CA HIS B 26 1.12 28.95 5.70
C HIS B 26 -0.10 29.68 6.24
N ALA B 27 -1.29 29.09 6.10
CA ALA B 27 -2.49 29.71 6.64
C ALA B 27 -2.47 29.71 8.16
N ALA B 28 -1.92 28.66 8.77
CA ALA B 28 -1.77 28.64 10.22
C ALA B 28 -0.80 29.72 10.69
N CYS B 29 0.31 29.91 9.96
CA CYS B 29 1.26 30.95 10.33
C CYS B 29 0.66 32.34 10.19
N VAL B 30 -0.14 32.56 9.15
CA VAL B 30 -0.78 33.86 8.97
C VAL B 30 -1.79 34.12 10.08
N LEU B 31 -2.59 33.11 10.44
CA LEU B 31 -3.55 33.29 11.52
C LEU B 31 -2.84 33.49 12.86
N LEU B 32 -1.68 32.87 13.04
CA LEU B 32 -0.87 33.10 14.23
C LEU B 32 -0.39 34.54 14.31
N ALA B 33 0.13 35.08 13.21
CA ALA B 33 0.65 36.44 13.22
C ALA B 33 -0.46 37.46 13.42
N VAL B 34 -1.63 37.22 12.79
CA VAL B 34 -2.76 38.11 12.98
C VAL B 34 -3.27 38.05 14.42
N CYS B 35 -3.29 36.85 15.00
CA CYS B 35 -3.76 36.75 16.38
C CYS B 35 -2.75 37.36 17.34
N PHE B 36 -1.46 37.35 16.99
CA PHE B 36 -0.48 38.04 17.81
C PHE B 36 -0.63 39.56 17.70
N VAL B 37 -0.99 40.04 16.52
CA VAL B 37 -1.25 41.48 16.33
C VAL B 37 -2.45 41.92 17.15
N VAL B 38 -3.49 41.10 17.19
CA VAL B 38 -4.64 41.45 18.02
C VAL B 38 -4.32 41.27 19.51
N LEU B 39 -3.36 40.39 19.84
CA LEU B 39 -2.83 40.37 21.20
C LEU B 39 -1.93 41.56 21.51
N PHE B 40 -1.50 42.31 20.51
CA PHE B 40 -0.76 43.54 20.79
C PHE B 40 -1.72 44.68 21.14
N LEU B 41 -2.56 45.06 20.19
CA LEU B 41 -3.47 46.20 20.35
C LEU B 41 -4.62 45.89 21.30
N ALA B 47 5.13 40.06 27.39
CA ALA B 47 6.03 39.79 28.50
C ALA B 47 5.40 39.24 29.80
N PRO B 48 4.29 39.78 30.34
CA PRO B 48 3.76 39.18 31.57
C PRO B 48 3.08 37.85 31.36
N ILE B 49 2.66 37.54 30.13
CA ILE B 49 1.83 36.37 29.87
C ILE B 49 2.62 35.21 29.30
N ILE B 50 3.90 35.42 28.99
CA ILE B 50 4.70 34.43 28.27
C ILE B 50 4.94 33.19 29.13
N ARG B 51 5.20 33.40 30.43
CA ARG B 51 5.27 32.30 31.39
C ARG B 51 3.97 31.52 31.42
N SER B 52 2.84 32.22 31.29
CA SER B 52 1.53 31.59 31.23
C SER B 52 1.44 30.64 30.05
N VAL B 53 2.10 30.99 28.94
CA VAL B 53 2.19 30.12 27.77
C VAL B 53 2.78 28.78 28.15
N CYS B 54 3.85 28.81 28.95
CA CYS B 54 4.51 27.59 29.37
C CYS B 54 3.61 26.76 30.26
N THR B 55 2.72 27.42 31.02
CA THR B 55 1.81 26.69 31.90
C THR B 55 0.80 25.91 31.10
N GLN B 56 0.58 26.30 29.85
CA GLN B 56 -0.21 25.45 28.98
C GLN B 56 0.69 24.53 28.18
N LEU B 57 1.89 25.00 27.83
CA LEU B 57 2.64 24.40 26.73
C LEU B 57 3.16 23.02 27.08
N ALA B 58 3.86 22.91 28.22
CA ALA B 58 4.29 21.60 28.70
C ALA B 58 3.09 20.74 29.09
N ALA B 59 1.94 21.37 29.35
CA ALA B 59 0.70 20.64 29.58
C ALA B 59 0.34 19.78 28.37
N LEU B 60 0.70 20.23 27.17
CA LEU B 60 0.58 19.36 26.02
C LEU B 60 1.71 18.34 26.00
N GLN B 61 2.93 18.78 26.28
CA GLN B 61 4.09 17.94 26.05
C GLN B 61 4.24 16.86 27.09
N LEU B 62 3.52 16.97 28.20
CA LEU B 62 3.38 15.83 29.10
C LEU B 62 2.63 14.70 28.41
N GLY B 63 1.47 15.03 27.82
CA GLY B 63 0.57 14.00 27.34
C GLY B 63 1.13 13.20 26.18
N VAL B 64 1.91 13.87 25.31
CA VAL B 64 2.65 13.21 24.27
C VAL B 64 3.58 12.15 24.86
N LEU B 65 4.31 12.51 25.91
CA LEU B 65 5.13 11.56 26.65
C LEU B 65 4.27 10.44 27.21
N LEU B 66 3.06 10.78 27.68
CA LEU B 66 2.13 9.76 28.19
C LEU B 66 1.75 8.77 27.12
N LYS B 67 1.59 9.25 25.87
CA LYS B 67 1.30 8.36 24.76
C LYS B 67 2.42 7.36 24.57
N GLY B 68 3.66 7.84 24.70
CA GLY B 68 4.80 6.95 24.63
C GLY B 68 4.80 5.93 25.74
N CYS B 69 4.36 6.34 26.94
CA CYS B 69 4.27 5.41 28.06
C CYS B 69 3.28 4.30 27.76
N CYS B 70 2.15 4.65 27.17
CA CYS B 70 1.20 3.62 26.80
C CYS B 70 1.69 2.82 25.60
N CYS B 71 2.54 3.41 24.78
CA CYS B 71 3.08 2.64 23.66
C CYS B 71 4.21 1.74 24.10
N LEU B 72 4.65 1.85 25.36
CA LEU B 72 5.51 0.80 25.90
C LEU B 72 4.69 -0.44 26.26
N ALA B 73 3.36 -0.29 26.34
CA ALA B 73 2.51 -1.38 26.79
C ALA B 73 2.48 -2.55 25.82
N GLU B 74 1.99 -2.34 24.60
CA GLU B 74 1.87 -3.43 23.66
C GLU B 74 3.20 -3.83 23.05
N GLU B 75 4.13 -2.87 22.90
CA GLU B 75 5.42 -3.14 22.30
C GLU B 75 6.27 -4.10 23.10
N ILE B 76 6.04 -4.20 24.41
CA ILE B 76 6.78 -5.17 25.20
C ILE B 76 6.31 -6.59 24.93
N PHE B 77 5.15 -6.75 24.29
CA PHE B 77 4.74 -8.05 23.76
C PHE B 77 5.27 -8.29 22.36
N HIS B 78 6.13 -7.42 21.85
CA HIS B 78 6.64 -7.50 20.49
C HIS B 78 8.14 -7.29 20.46
N LEU B 79 8.82 -7.74 21.53
CA LEU B 79 10.24 -7.50 21.69
C LEU B 79 11.07 -8.19 20.61
N HIS B 80 11.06 -9.51 20.60
CA HIS B 80 11.86 -10.24 19.65
C HIS B 80 11.17 -10.43 18.32
N SER B 81 9.84 -10.51 18.30
CA SER B 81 9.12 -10.79 17.08
C SER B 81 9.04 -9.60 16.14
N ARG B 82 9.39 -8.41 16.59
CA ARG B 82 9.34 -7.27 15.69
C ARG B 82 10.55 -6.37 15.82
N HIS B 83 11.25 -6.43 16.95
CA HIS B 83 12.27 -5.43 17.25
C HIS B 83 13.57 -5.96 17.81
N HIS B 84 13.65 -7.25 18.17
CA HIS B 84 14.79 -7.93 18.84
C HIS B 84 15.56 -7.10 19.88
N LEU B 87 15.96 -3.88 24.02
CA LEU B 87 15.27 -2.83 24.75
C LEU B 87 15.36 -1.50 24.05
N TRP B 88 16.59 -1.06 23.81
CA TRP B 88 16.85 0.30 23.35
C TRP B 88 16.30 0.55 21.95
N GLN B 89 16.17 -0.49 21.12
CA GLN B 89 15.49 -0.33 19.85
C GLN B 89 14.02 -0.01 20.05
N VAL B 90 13.40 -0.64 21.04
CA VAL B 90 11.96 -0.46 21.27
C VAL B 90 11.67 0.94 21.78
N LEU B 91 12.42 1.38 22.80
CA LEU B 91 12.24 2.74 23.31
C LEU B 91 12.70 3.78 22.31
N CYS B 92 13.64 3.43 21.44
CA CYS B 92 13.99 4.31 20.34
C CYS B 92 12.83 4.48 19.38
N SER B 93 12.08 3.40 19.14
CA SER B 93 10.94 3.46 18.25
C SER B 93 9.66 3.95 18.93
N CYS B 94 9.69 4.13 20.25
CA CYS B 94 8.44 4.29 21.01
C CYS B 94 7.80 5.67 20.88
N PHE B 95 8.48 6.72 21.34
CA PHE B 95 7.96 8.08 21.28
C PHE B 95 8.50 8.83 20.07
N PRO B 96 7.95 10.00 19.74
CA PRO B 96 8.57 10.89 18.74
C PRO B 96 10.00 11.25 19.10
N PRO B 97 10.86 11.49 18.09
CA PRO B 97 12.31 11.47 18.31
C PRO B 97 12.86 12.65 19.10
N ARG B 98 12.15 13.76 19.12
CA ARG B 98 12.58 14.93 19.90
C ARG B 98 11.88 14.86 21.26
N TRP B 99 12.36 13.94 22.08
CA TRP B 99 11.76 13.69 23.39
C TRP B 99 12.26 14.64 24.47
N TYR B 100 13.42 15.26 24.26
CA TYR B 100 14.03 16.05 25.32
C TYR B 100 13.38 17.42 25.47
N LEU B 101 12.70 17.90 24.43
CA LEU B 101 12.01 19.18 24.51
C LEU B 101 10.86 19.12 25.52
N ALA B 102 10.20 17.97 25.58
CA ALA B 102 9.07 17.80 26.50
C ALA B 102 9.54 17.84 27.95
N LEU B 103 10.61 17.11 28.27
CA LEU B 103 11.12 17.11 29.64
C LEU B 103 11.75 18.47 29.98
N LEU B 104 12.36 19.12 28.99
CA LEU B 104 12.87 20.47 29.17
C LEU B 104 11.75 21.43 29.53
N LEU B 105 10.59 21.28 28.90
CA LEU B 105 9.46 22.14 29.25
C LEU B 105 8.78 21.73 30.54
N VAL B 106 8.84 20.45 30.90
CA VAL B 106 8.25 20.01 32.16
C VAL B 106 9.04 20.55 33.34
N GLY B 107 10.37 20.64 33.20
CA GLY B 107 11.20 21.16 34.28
C GLY B 107 10.98 22.64 34.57
N GLY B 108 10.52 23.40 33.58
CA GLY B 108 10.34 24.83 33.76
C GLY B 108 8.98 25.20 34.31
N SER B 109 8.77 24.98 35.61
CA SER B 109 7.52 25.37 36.24
C SER B 109 7.76 26.36 37.38
N LEU B 126 -1.41 20.06 37.28
CA LEU B 126 -0.48 19.05 37.74
C LEU B 126 -1.09 17.66 37.54
N THR B 127 -1.73 17.16 38.59
CA THR B 127 -2.45 15.90 38.49
C THR B 127 -3.68 16.05 37.60
N LEU B 128 -4.25 17.25 37.59
CA LEU B 128 -5.36 17.56 36.69
C LEU B 128 -4.95 17.41 35.22
N SER B 129 -3.75 17.88 34.89
CA SER B 129 -3.27 17.78 33.52
C SER B 129 -3.05 16.33 33.10
N CYS B 130 -2.44 15.53 33.98
CA CYS B 130 -2.19 14.13 33.70
C CYS B 130 -3.50 13.35 33.57
N LEU B 131 -4.46 13.66 34.44
CA LEU B 131 -5.74 12.96 34.38
C LEU B 131 -6.53 13.38 33.16
N CYS B 132 -6.38 14.63 32.72
CA CYS B 132 -7.06 15.06 31.51
C CYS B 132 -6.49 14.39 30.28
N GLN B 133 -5.17 14.28 30.21
CA GLN B 133 -4.54 13.61 29.07
C GLN B 133 -4.87 12.12 29.07
N LEU B 134 -4.91 11.49 30.25
CA LEU B 134 -5.30 10.09 30.31
C LEU B 134 -6.77 9.90 29.97
N LEU B 135 -7.62 10.85 30.34
CA LEU B 135 -9.03 10.74 30.01
C LEU B 135 -9.25 10.93 28.51
N VAL B 136 -8.37 11.69 27.86
CA VAL B 136 -8.41 11.79 26.41
C VAL B 136 -7.95 10.46 25.79
N LEU B 137 -6.81 9.95 26.25
CA LEU B 137 -6.23 8.76 25.63
C LEU B 137 -7.03 7.50 25.90
N ALA B 138 -7.84 7.48 26.95
CA ALA B 138 -8.67 6.30 27.21
C ALA B 138 -9.81 6.23 26.21
N LEU B 139 -10.54 7.32 26.03
CA LEU B 139 -11.72 7.30 25.19
C LEU B 139 -11.40 7.38 23.71
N GLY B 140 -10.17 7.75 23.35
CA GLY B 140 -9.76 7.75 21.97
C GLY B 140 -10.42 8.82 21.12
N LEU B 141 -10.33 10.07 21.56
CA LEU B 141 -10.85 11.19 20.80
C LEU B 141 -9.79 11.80 19.87
N GLN B 142 -8.62 11.19 19.79
CA GLN B 142 -7.59 11.61 18.85
C GLN B 142 -7.62 10.74 17.60
N LYS B 143 -8.79 10.71 16.96
CA LYS B 143 -8.97 9.99 15.71
C LYS B 143 -8.83 10.98 14.55
N LEU B 144 -7.94 10.66 13.62
CA LEU B 144 -7.66 11.55 12.51
C LEU B 144 -8.81 11.53 11.51
N SER B 145 -8.93 12.63 10.77
CA SER B 145 -10.05 12.82 9.86
C SER B 145 -9.74 12.14 8.52
N ALA B 146 -10.60 12.41 7.52
CA ALA B 146 -10.41 11.79 6.21
C ALA B 146 -9.23 12.41 5.47
N VAL B 147 -9.11 13.73 5.53
CA VAL B 147 -8.06 14.40 4.76
C VAL B 147 -6.69 14.15 5.36
N GLU B 148 -6.62 13.96 6.67
CA GLU B 148 -5.33 13.71 7.30
C GLU B 148 -4.80 12.33 6.94
N VAL B 149 -5.66 11.32 7.00
CA VAL B 149 -5.22 9.97 6.62
C VAL B 149 -5.01 9.89 5.11
N SER B 150 -5.70 10.74 4.34
CA SER B 150 -5.49 10.77 2.90
C SER B 150 -4.11 11.33 2.56
N GLU B 151 -3.73 12.44 3.20
CA GLU B 151 -2.40 13.01 2.97
C GLU B 151 -1.32 12.10 3.52
N LEU B 152 -1.59 11.43 4.64
CA LEU B 152 -0.61 10.50 5.17
C LEU B 152 -0.44 9.28 4.28
N THR B 153 -1.52 8.84 3.63
CA THR B 153 -1.45 7.72 2.71
C THR B 153 -0.68 8.10 1.46
N GLU B 154 -1.19 9.09 0.72
CA GLU B 154 -0.57 9.43 -0.57
C GLU B 154 0.73 10.18 -0.42
N SER B 155 1.09 10.63 0.78
CA SER B 155 2.38 11.26 0.99
C SER B 155 3.50 10.23 1.02
N SER B 156 3.35 9.21 1.85
CA SER B 156 4.32 8.12 1.86
C SER B 156 4.16 7.28 0.61
N LYS B 157 5.25 6.67 0.19
CA LYS B 157 5.24 5.78 -0.96
C LYS B 157 5.03 4.33 -0.52
N LYS B 158 3.98 4.09 0.26
CA LYS B 158 3.75 2.77 0.81
C LYS B 158 2.28 2.37 0.75
N ASN B 159 1.49 3.00 -0.10
CA ASN B 159 0.09 2.68 -0.29
C ASN B 159 -0.05 1.55 -1.29
N VAL B 160 -1.29 1.28 -1.73
CA VAL B 160 -1.52 0.19 -2.67
C VAL B 160 -1.07 0.58 -4.06
N ALA B 161 -1.49 1.76 -4.52
CA ALA B 161 -1.33 2.12 -5.92
C ALA B 161 0.12 2.32 -6.32
N HIS B 162 0.94 2.88 -5.44
CA HIS B 162 2.33 3.11 -5.79
C HIS B 162 3.11 1.81 -5.86
N GLY B 163 2.86 0.90 -4.91
CA GLY B 163 3.53 -0.39 -4.96
C GLY B 163 3.08 -1.24 -6.12
N LEU B 164 1.79 -1.19 -6.44
CA LEU B 164 1.30 -1.94 -7.58
C LEU B 164 1.79 -1.34 -8.89
N ALA B 165 1.95 -0.02 -8.95
CA ALA B 165 2.53 0.59 -10.14
C ALA B 165 4.00 0.25 -10.28
N TRP B 166 4.71 0.14 -9.17
CA TRP B 166 6.10 -0.32 -9.24
C TRP B 166 6.18 -1.76 -9.71
N SER B 167 5.21 -2.58 -9.30
CA SER B 167 5.15 -3.96 -9.76
C SER B 167 4.93 -4.02 -11.26
N TYR B 168 3.99 -3.21 -11.76
CA TYR B 168 3.72 -3.20 -13.19
C TYR B 168 4.87 -2.60 -13.98
N TYR B 169 5.66 -1.73 -13.37
CA TYR B 169 6.78 -1.17 -14.11
C TYR B 169 7.95 -2.15 -14.17
N ILE B 170 8.26 -2.78 -13.04
CA ILE B 170 9.44 -3.63 -12.99
C ILE B 170 9.18 -4.97 -13.66
N GLY B 171 8.03 -5.58 -13.37
CA GLY B 171 7.79 -6.92 -13.85
C GLY B 171 7.53 -7.01 -15.35
N TYR B 172 6.85 -6.03 -15.90
CA TYR B 172 6.43 -6.10 -17.30
C TYR B 172 7.09 -5.04 -18.17
N LEU B 173 6.94 -3.76 -17.82
CA LEU B 173 7.34 -2.71 -18.73
C LEU B 173 8.85 -2.58 -18.84
N LYS B 174 9.57 -2.93 -17.77
CA LYS B 174 11.02 -2.88 -17.83
C LYS B 174 11.57 -3.96 -18.73
N VAL B 175 10.85 -5.05 -18.90
CA VAL B 175 11.37 -6.19 -19.62
C VAL B 175 10.93 -6.20 -21.07
N VAL B 176 9.65 -5.96 -21.34
CA VAL B 176 9.12 -6.19 -22.68
C VAL B 176 9.52 -5.08 -23.63
N LEU B 177 9.25 -3.83 -23.24
CA LEU B 177 9.42 -2.62 -24.04
C LEU B 177 10.74 -2.43 -24.79
N PRO B 178 11.92 -2.81 -24.27
CA PRO B 178 13.10 -2.74 -25.14
C PRO B 178 13.10 -3.75 -26.26
N ARG B 179 12.34 -4.84 -26.16
CA ARG B 179 12.31 -5.83 -27.21
C ARG B 179 11.11 -5.63 -28.14
N LEU B 180 10.53 -4.44 -28.18
CA LEU B 180 9.32 -4.24 -28.95
C LEU B 180 9.62 -4.06 -30.44
N LYS B 181 10.62 -3.21 -30.75
CA LYS B 181 10.89 -2.83 -32.13
C LYS B 181 11.36 -4.00 -32.97
N GLU B 182 12.05 -4.97 -32.36
CA GLU B 182 12.53 -6.12 -33.11
C GLU B 182 11.39 -7.03 -33.51
N CYS B 183 10.43 -7.24 -32.61
CA CYS B 183 9.25 -8.02 -32.96
C CYS B 183 8.38 -7.29 -33.98
N MET B 184 8.32 -5.96 -33.86
CA MET B 184 7.58 -5.18 -34.85
C MET B 184 8.22 -5.28 -36.23
N GLU B 185 9.55 -5.28 -36.29
CA GLU B 185 10.22 -5.44 -37.57
C GLU B 185 10.08 -6.85 -38.10
N GLU B 186 10.00 -7.84 -37.21
CA GLU B 186 9.82 -9.21 -37.66
C GLU B 186 8.42 -9.42 -38.23
N LEU B 187 7.42 -8.78 -37.64
CA LEU B 187 6.11 -8.80 -38.28
C LEU B 187 6.08 -7.88 -39.50
N SER B 188 7.00 -6.92 -39.58
CA SER B 188 7.03 -6.03 -40.72
C SER B 188 7.49 -6.74 -41.98
N ARG B 189 8.28 -7.79 -41.84
CA ARG B 189 8.68 -8.61 -42.97
C ARG B 189 7.72 -9.77 -43.22
N THR B 190 6.45 -9.60 -42.83
CA THR B 190 5.42 -10.58 -43.11
C THR B 190 4.39 -9.99 -44.07
N HIS B 197 5.11 3.78 -41.35
CA HIS B 197 4.31 3.73 -40.13
C HIS B 197 5.17 3.60 -38.89
N ARG B 198 6.43 4.04 -39.01
CA ARG B 198 7.37 3.89 -37.91
C ARG B 198 7.08 4.84 -36.76
N ASP B 199 6.26 5.86 -37.00
CA ASP B 199 5.91 6.83 -35.97
C ASP B 199 5.01 6.22 -34.90
N THR B 200 4.26 5.18 -35.26
CA THR B 200 3.22 4.63 -34.41
C THR B 200 3.61 3.32 -33.75
N TRP B 201 4.85 2.86 -33.93
CA TRP B 201 5.32 1.61 -33.35
C TRP B 201 5.52 1.84 -31.86
N LYS B 202 4.43 1.76 -31.11
CA LYS B 202 4.45 2.01 -29.68
C LYS B 202 3.56 1.00 -29.01
N LEU B 203 3.30 1.21 -27.72
CA LEU B 203 2.44 0.33 -26.94
C LEU B 203 1.48 1.20 -26.15
N HIS B 204 0.29 1.45 -26.71
CA HIS B 204 -0.70 2.23 -25.97
C HIS B 204 -1.29 1.37 -24.86
N ILE B 205 -1.14 1.82 -23.63
CA ILE B 205 -1.72 1.13 -22.50
C ILE B 205 -3.05 1.79 -22.18
N LEU B 206 -4.14 1.07 -22.39
CA LEU B 206 -5.44 1.60 -22.01
C LEU B 206 -5.59 1.56 -20.51
N VAL B 207 -5.84 2.71 -19.90
CA VAL B 207 -6.04 2.77 -18.46
C VAL B 207 -7.44 3.28 -18.19
N PRO B 208 -8.44 2.43 -18.07
CA PRO B 208 -9.80 2.91 -17.84
C PRO B 208 -10.00 3.30 -16.39
N LEU B 209 -10.06 4.60 -16.12
CA LEU B 209 -10.30 5.10 -14.78
C LEU B 209 -11.76 4.87 -14.45
N GLY B 210 -12.05 3.65 -14.00
CA GLY B 210 -13.42 3.28 -13.71
C GLY B 210 -13.57 1.81 -13.39
N CYS B 211 -14.63 1.20 -13.88
CA CYS B 211 -14.97 -0.18 -13.54
C CYS B 211 -14.91 -1.13 -14.73
N ASP B 212 -15.21 -0.67 -15.93
CA ASP B 212 -15.27 -1.53 -17.10
C ASP B 212 -13.86 -1.95 -17.51
N ILE B 213 -13.58 -3.25 -17.40
CA ILE B 213 -12.37 -3.85 -17.93
C ILE B 213 -12.79 -5.11 -18.68
N TRP B 214 -12.47 -5.19 -19.95
CA TRP B 214 -12.95 -6.25 -20.81
C TRP B 214 -11.79 -7.11 -21.30
N ASP B 215 -12.02 -8.41 -21.36
CA ASP B 215 -11.01 -9.29 -21.91
C ASP B 215 -11.05 -9.30 -23.43
N ASP B 216 -12.24 -9.25 -24.02
CA ASP B 216 -12.40 -9.29 -25.47
C ASP B 216 -12.58 -7.87 -25.96
N LEU B 217 -11.52 -7.28 -26.51
CA LEU B 217 -11.64 -5.94 -27.07
C LEU B 217 -12.43 -5.91 -28.36
N GLU B 218 -12.70 -7.06 -28.99
CA GLU B 218 -13.59 -7.03 -30.14
C GLU B 218 -15.03 -6.84 -29.72
N LYS B 219 -15.38 -7.19 -28.48
CA LYS B 219 -16.68 -6.83 -27.92
C LYS B 219 -16.75 -5.38 -27.52
N ALA B 220 -15.61 -4.68 -27.45
CA ALA B 220 -15.64 -3.29 -27.04
C ALA B 220 -16.18 -2.40 -28.14
N ASP B 221 -15.85 -2.69 -29.39
CA ASP B 221 -16.40 -1.96 -30.51
C ASP B 221 -16.36 -2.85 -31.74
N SER B 222 -17.24 -2.54 -32.68
CA SER B 222 -17.18 -3.20 -33.98
C SER B 222 -15.98 -2.74 -34.79
N ASN B 223 -15.41 -1.58 -34.48
CA ASN B 223 -14.29 -1.08 -35.26
C ASN B 223 -12.98 -1.78 -34.89
N ILE B 224 -12.81 -2.13 -33.63
CA ILE B 224 -11.58 -2.78 -33.19
C ILE B 224 -11.58 -4.21 -33.67
N GLN B 225 -10.55 -4.58 -34.42
CA GLN B 225 -10.46 -5.92 -34.98
C GLN B 225 -9.13 -6.54 -34.60
N TYR B 226 -9.16 -7.85 -34.31
CA TYR B 226 -7.94 -8.59 -34.07
C TYR B 226 -7.35 -9.06 -35.39
N LEU B 227 -6.04 -8.90 -35.53
CA LEU B 227 -5.36 -9.35 -36.73
C LEU B 227 -4.39 -10.50 -36.46
N ALA B 228 -3.40 -10.27 -35.59
CA ALA B 228 -2.36 -11.25 -35.33
C ALA B 228 -1.71 -10.90 -34.01
N ASP B 229 -0.61 -11.59 -33.70
CA ASP B 229 0.13 -11.38 -32.48
C ASP B 229 1.60 -11.23 -32.80
N LEU B 230 2.33 -10.60 -31.88
CA LEU B 230 3.75 -10.43 -32.05
C LEU B 230 4.47 -11.75 -31.76
N PRO B 231 5.70 -11.90 -32.23
CA PRO B 231 6.54 -13.00 -31.74
C PRO B 231 6.81 -12.85 -30.25
N GLU B 232 6.85 -13.99 -29.57
CA GLU B 232 6.81 -14.03 -28.12
C GLU B 232 8.16 -13.66 -27.52
N THR B 233 8.21 -13.67 -26.19
CA THR B 233 9.43 -13.42 -25.44
C THR B 233 9.55 -14.51 -24.37
N ILE B 234 10.71 -15.15 -24.32
CA ILE B 234 10.94 -16.29 -23.44
C ILE B 234 12.02 -15.92 -22.44
N LEU B 235 11.69 -15.96 -21.15
CA LEU B 235 12.64 -15.61 -20.11
C LEU B 235 12.45 -16.51 -18.90
N THR B 236 13.56 -16.98 -18.33
CA THR B 236 13.50 -17.75 -17.10
C THR B 236 13.46 -16.78 -15.94
N ARG B 237 12.27 -16.60 -15.37
CA ARG B 237 12.04 -15.57 -14.36
C ARG B 237 11.47 -16.22 -13.11
N ALA B 238 12.16 -16.01 -11.98
CA ALA B 238 11.69 -16.38 -10.65
C ALA B 238 11.40 -17.87 -10.53
N GLY B 239 12.34 -18.70 -10.99
CA GLY B 239 12.21 -20.12 -10.86
C GLY B 239 11.42 -20.78 -11.99
N ILE B 240 10.49 -20.07 -12.58
CA ILE B 240 9.78 -20.60 -13.75
C ILE B 240 10.71 -20.57 -14.94
N LYS B 241 10.95 -21.71 -15.53
CA LYS B 241 11.75 -21.77 -16.74
C LYS B 241 10.86 -21.51 -17.94
N ARG B 242 11.33 -20.65 -18.84
CA ARG B 242 10.65 -20.28 -20.09
C ARG B 242 9.26 -19.70 -19.84
N ARG B 243 9.23 -18.61 -19.08
CA ARG B 243 8.03 -17.80 -18.98
C ARG B 243 7.85 -17.03 -20.28
N VAL B 244 6.60 -16.94 -20.73
CA VAL B 244 6.29 -16.45 -22.07
C VAL B 244 5.49 -15.16 -21.95
N TYR B 245 5.97 -14.11 -22.60
CA TYR B 245 5.24 -12.86 -22.73
C TYR B 245 4.80 -12.71 -24.18
N LYS B 246 3.55 -12.34 -24.38
CA LYS B 246 2.98 -12.20 -25.71
C LYS B 246 2.42 -10.80 -25.88
N HIS B 247 1.84 -10.56 -27.05
CA HIS B 247 1.20 -9.29 -27.36
C HIS B 247 0.12 -9.53 -28.41
N SER B 248 -0.42 -8.45 -28.95
CA SER B 248 -1.40 -8.56 -30.02
C SER B 248 -1.40 -7.28 -30.83
N LEU B 249 -1.85 -7.40 -32.07
CA LEU B 249 -1.85 -6.30 -33.02
C LEU B 249 -3.28 -6.06 -33.49
N TYR B 250 -3.78 -4.85 -33.30
CA TYR B 250 -5.16 -4.52 -33.63
C TYR B 250 -5.18 -3.50 -34.75
N VAL B 251 -5.97 -3.77 -35.78
CA VAL B 251 -6.14 -2.85 -36.88
C VAL B 251 -7.47 -2.13 -36.68
N ILE B 252 -7.42 -0.81 -36.66
CA ILE B 252 -8.59 0.03 -36.46
C ILE B 252 -8.75 0.89 -37.69
N ARG B 253 -9.93 0.84 -38.31
CA ARG B 253 -10.12 1.47 -39.60
C ARG B 253 -11.34 2.36 -39.58
N ASP B 254 -11.62 2.96 -40.74
CA ASP B 254 -12.80 3.76 -40.95
C ASP B 254 -13.58 3.22 -42.13
N LEU B 259 -7.85 3.67 -40.90
CA LEU B 259 -7.15 2.65 -41.68
C LEU B 259 -5.73 2.50 -41.14
N ARG B 260 -5.61 2.19 -39.85
CA ARG B 260 -4.33 2.23 -39.17
C ARG B 260 -4.17 1.09 -38.20
N PRO B 261 -2.98 0.52 -38.10
CA PRO B 261 -2.70 -0.49 -37.08
C PRO B 261 -2.10 0.12 -35.82
N CYS B 262 -2.23 -0.63 -34.72
CA CYS B 262 -1.54 -0.27 -33.49
C CYS B 262 -1.46 -1.49 -32.60
N VAL B 263 -0.55 -1.43 -31.65
CA VAL B 263 -0.48 -2.38 -30.55
C VAL B 263 -1.22 -1.76 -29.39
N LEU B 264 -1.89 -2.59 -28.59
CA LEU B 264 -2.83 -2.07 -27.61
C LEU B 264 -3.12 -3.14 -26.57
N GLU B 265 -3.14 -2.75 -25.30
CA GLU B 265 -3.54 -3.67 -24.25
C GLU B 265 -4.03 -2.86 -23.06
N PHE B 266 -4.69 -3.54 -22.14
CA PHE B 266 -5.16 -2.92 -20.91
C PHE B 266 -4.09 -2.96 -19.83
N ALA B 267 -4.11 -1.95 -18.98
CA ALA B 267 -3.35 -2.00 -17.75
C ALA B 267 -3.99 -3.03 -16.86
N SER B 268 -3.35 -4.19 -16.75
CA SER B 268 -3.95 -5.33 -16.08
C SER B 268 -4.33 -5.16 -14.60
N PRO B 269 -3.49 -4.63 -13.69
CA PRO B 269 -3.78 -4.83 -12.26
C PRO B 269 -4.91 -3.99 -11.73
N LEU B 270 -5.45 -3.08 -12.54
CA LEU B 270 -6.72 -2.43 -12.21
C LEU B 270 -7.83 -3.45 -12.02
N GLN B 271 -7.79 -4.52 -12.82
CA GLN B 271 -8.66 -5.68 -12.64
C GLN B 271 -8.58 -6.22 -11.22
N THR B 272 -7.37 -6.24 -10.64
CA THR B 272 -7.20 -6.63 -9.24
C THR B 272 -7.99 -5.73 -8.31
N LEU B 273 -7.93 -4.42 -8.54
CA LEU B 273 -8.73 -3.49 -7.76
C LEU B 273 -10.22 -3.72 -8.00
N CYS B 274 -10.58 -4.15 -9.20
CA CYS B 274 -11.95 -4.47 -9.52
C CYS B 274 -12.45 -5.68 -8.74
N ALA B 275 -11.55 -6.51 -8.21
CA ALA B 275 -11.98 -7.57 -7.33
C ALA B 275 -11.61 -7.31 -5.87
N MET B 276 -10.99 -6.18 -5.57
CA MET B 276 -10.64 -5.90 -4.19
C MET B 276 -11.75 -5.21 -3.41
N SER B 277 -12.86 -4.89 -4.06
CA SER B 277 -14.01 -4.31 -3.39
C SER B 277 -15.31 -5.02 -3.71
N GLN B 278 -15.42 -5.61 -4.91
CA GLN B 278 -16.61 -6.37 -5.27
C GLN B 278 -16.74 -7.62 -4.40
N ASP B 279 -15.63 -8.34 -4.21
CA ASP B 279 -15.63 -9.50 -3.33
C ASP B 279 -15.70 -9.11 -1.86
N ASP B 280 -15.39 -7.84 -1.56
CA ASP B 280 -15.56 -7.21 -0.24
C ASP B 280 -14.73 -7.87 0.85
N CYS B 281 -13.71 -8.64 0.48
CA CYS B 281 -12.82 -9.21 1.46
C CYS B 281 -11.74 -8.24 1.90
N ALA B 282 -11.66 -7.07 1.25
CA ALA B 282 -10.80 -5.98 1.68
C ALA B 282 -11.65 -4.76 1.95
N ALA B 283 -11.25 -3.97 2.94
CA ALA B 283 -11.96 -2.75 3.27
C ALA B 283 -11.70 -1.73 2.17
N PHE B 284 -12.62 -1.64 1.21
CA PHE B 284 -12.35 -0.89 0.00
C PHE B 284 -13.67 -0.49 -0.64
N SER B 285 -13.79 0.78 -0.99
CA SER B 285 -15.04 1.34 -1.51
C SER B 285 -14.85 1.80 -2.95
N ARG B 286 -15.98 2.09 -3.61
CA ARG B 286 -15.96 2.46 -5.02
C ARG B 286 -15.42 3.87 -5.24
N GLU B 287 -15.73 4.78 -4.33
CA GLU B 287 -15.17 6.12 -4.42
C GLU B 287 -13.68 6.10 -4.19
N GLN B 288 -13.25 5.33 -3.19
CA GLN B 288 -11.83 5.06 -3.03
C GLN B 288 -11.28 4.22 -4.18
N ARG B 289 -12.10 3.43 -4.87
CA ARG B 289 -11.61 2.72 -6.04
C ARG B 289 -11.26 3.68 -7.17
N LEU B 290 -12.12 4.67 -7.41
CA LEU B 290 -11.82 5.71 -8.40
C LEU B 290 -10.62 6.54 -7.96
N GLU B 291 -10.53 6.83 -6.66
CA GLU B 291 -9.38 7.55 -6.13
C GLU B 291 -8.08 6.77 -6.30
N GLN B 292 -8.10 5.47 -6.02
CA GLN B 292 -6.91 4.65 -6.17
C GLN B 292 -6.54 4.46 -7.62
N ALA B 293 -7.54 4.41 -8.52
CA ALA B 293 -7.24 4.30 -9.94
C ALA B 293 -6.58 5.58 -10.47
N ARG B 294 -7.08 6.74 -10.04
CA ARG B 294 -6.45 7.99 -10.44
C ARG B 294 -5.04 8.11 -9.86
N LEU B 295 -4.87 7.63 -8.62
CA LEU B 295 -3.55 7.61 -8.00
C LEU B 295 -2.61 6.67 -8.74
N PHE B 296 -3.13 5.56 -9.23
CA PHE B 296 -2.32 4.60 -9.97
C PHE B 296 -1.86 5.19 -11.29
N TYR B 297 -2.77 5.86 -12.01
CA TYR B 297 -2.37 6.49 -13.27
C TYR B 297 -1.37 7.61 -13.04
N ARG B 298 -1.54 8.35 -11.94
CA ARG B 298 -0.58 9.42 -11.63
C ARG B 298 0.79 8.86 -11.30
N SER B 299 0.84 7.77 -10.52
CA SER B 299 2.11 7.18 -10.15
C SER B 299 2.80 6.54 -11.35
N LEU B 300 2.02 5.94 -12.26
CA LEU B 300 2.60 5.34 -13.45
C LEU B 300 3.11 6.41 -14.39
N ARG B 301 2.39 7.54 -14.48
CA ARG B 301 2.85 8.66 -15.27
C ARG B 301 4.14 9.24 -14.70
N ASP B 302 4.26 9.27 -13.37
CA ASP B 302 5.48 9.76 -12.75
C ASP B 302 6.65 8.82 -12.99
N ILE B 303 6.42 7.50 -12.88
CA ILE B 303 7.49 6.53 -13.04
C ILE B 303 7.99 6.51 -14.47
N LEU B 304 7.08 6.51 -15.43
CA LEU B 304 7.52 6.59 -16.82
C LEU B 304 7.98 7.98 -17.22
N GLY B 305 7.72 8.99 -16.39
CA GLY B 305 8.31 10.29 -16.64
C GLY B 305 9.82 10.28 -16.46
N SER B 306 10.28 9.77 -15.31
CA SER B 306 11.70 9.67 -15.03
C SER B 306 12.30 8.35 -15.50
N SER B 307 11.60 7.62 -16.37
CA SER B 307 12.16 6.41 -16.94
C SER B 307 13.27 6.75 -17.92
N LYS B 308 14.16 5.80 -18.13
CA LYS B 308 15.30 6.01 -19.01
C LYS B 308 15.44 5.00 -20.12
N GLU B 309 14.92 3.79 -19.94
CA GLU B 309 14.93 2.82 -21.02
C GLU B 309 13.73 3.00 -21.94
N CYS B 310 12.56 3.24 -21.35
CA CYS B 310 11.33 3.43 -22.11
C CYS B 310 11.35 4.77 -22.79
N ALA B 311 11.84 4.84 -24.03
CA ALA B 311 12.14 6.11 -24.66
C ALA B 311 10.87 6.85 -25.06
N GLY B 312 10.11 6.27 -25.98
CA GLY B 312 8.86 6.85 -26.40
C GLY B 312 7.89 5.74 -26.70
N LEU B 313 8.28 4.53 -26.33
CA LEU B 313 7.58 3.34 -26.77
C LEU B 313 6.25 3.14 -26.06
N TYR B 314 6.06 3.77 -24.91
CA TYR B 314 4.77 3.76 -24.24
C TYR B 314 4.00 5.00 -24.63
N ARG B 315 2.68 4.94 -24.42
CA ARG B 315 1.81 6.08 -24.64
C ARG B 315 0.58 5.87 -23.79
N LEU B 316 0.52 6.55 -22.66
CA LEU B 316 -0.54 6.31 -21.69
C LEU B 316 -1.82 6.95 -22.17
N ILE B 317 -2.84 6.13 -22.39
CA ILE B 317 -4.18 6.60 -22.69
C ILE B 317 -5.05 6.28 -21.49
N ALA B 318 -5.67 7.31 -20.92
CA ALA B 318 -6.55 7.14 -19.79
C ALA B 318 -7.82 7.91 -20.05
N TYR B 319 -8.91 7.45 -19.43
CA TYR B 319 -10.21 8.02 -19.71
C TYR B 319 -11.18 7.66 -18.60
N GLU B 320 -12.28 8.37 -18.56
CA GLU B 320 -13.45 7.97 -17.81
C GLU B 320 -14.57 7.60 -18.77
N GLU B 321 -15.58 6.92 -18.26
CA GLU B 321 -16.77 6.70 -19.04
C GLU B 321 -17.63 7.95 -19.01
N PRO B 322 -17.90 8.59 -20.16
CA PRO B 322 -18.72 9.81 -20.19
C PRO B 322 -20.20 9.55 -19.91
N HIS B 328 -18.16 3.14 -31.65
CA HIS B 328 -18.74 4.04 -30.67
C HIS B 328 -17.78 5.14 -30.23
N PHE B 329 -17.17 4.92 -29.08
CA PHE B 329 -16.41 5.95 -28.36
C PHE B 329 -14.94 5.61 -28.21
N LEU B 330 -14.66 4.41 -27.73
CA LEU B 330 -13.30 4.02 -27.40
C LEU B 330 -12.41 4.02 -28.62
N SER B 331 -12.96 3.57 -29.75
CA SER B 331 -12.22 3.63 -31.01
C SER B 331 -11.98 5.07 -31.43
N GLY B 332 -12.92 5.97 -31.13
CA GLY B 332 -12.71 7.38 -31.46
C GLY B 332 -11.58 7.99 -30.64
N LEU B 333 -11.51 7.63 -29.36
CA LEU B 333 -10.41 8.11 -28.53
C LEU B 333 -9.08 7.52 -28.98
N ILE B 334 -9.08 6.25 -29.37
CA ILE B 334 -7.86 5.60 -29.84
C ILE B 334 -7.39 6.25 -31.12
N LEU B 335 -8.31 6.58 -32.02
CA LEU B 335 -7.95 7.24 -33.25
C LEU B 335 -7.47 8.66 -33.00
N TRP B 336 -8.00 9.33 -31.98
CA TRP B 336 -7.53 10.67 -31.67
C TRP B 336 -6.10 10.66 -31.15
N HIS B 337 -5.79 9.74 -30.23
CA HIS B 337 -4.41 9.58 -29.79
C HIS B 337 -3.50 9.12 -30.92
N LEU B 338 -4.03 8.34 -31.85
CA LEU B 338 -3.19 7.81 -32.91
C LEU B 338 -2.87 8.88 -33.94
N GLN B 339 -3.83 9.75 -34.22
CA GLN B 339 -3.60 10.82 -35.17
C GLN B 339 -2.87 12.00 -34.53
N GLN B 340 -2.90 12.08 -33.20
CA GLN B 340 -2.29 13.20 -32.50
C GLN B 340 -0.78 13.23 -32.66
N GLN B 341 -0.14 12.06 -32.66
CA GLN B 341 1.31 12.02 -32.81
C GLN B 341 1.74 12.27 -34.24
N GLN B 342 0.82 12.23 -35.19
CA GLN B 342 1.15 12.49 -36.57
C GLN B 342 0.39 13.72 -37.07
C2 1SY C . 0.31 -9.82 -19.60
N01 1SY C . 2.21 -12.79 -19.75
C6 1SY C . 1.84 -11.56 -19.17
N1 1SY C . 0.86 -11.03 -19.94
N3 1SY C . 0.75 -9.17 -18.48
C4 1SY C . 1.72 -9.74 -17.71
C5 1SY C . 2.27 -10.91 -18.05
N7 1SY C . 3.21 -11.23 -17.12
C8 1SY C . 3.26 -10.23 -16.21
N9 1SY C . 2.34 -9.32 -16.59
C1' 1SY C . 2.12 -8.19 -15.88
C2' 1SY C . 0.86 -8.39 -15.11
O2' 1SY C . 0.18 -7.16 -15.07
C3' 1SY C . 1.27 -8.67 -13.76
C4' 1SY C . 2.44 -7.85 -13.68
C16 1SY C . 3.38 -8.34 -12.53
O17 1SY C . 3.86 -9.70 -12.88
P18 1SY C . 4.71 -10.46 -11.75
O19 1SY C . 6.20 -10.58 -12.10
O20 1SY C . 4.03 -11.88 -11.15
C21 1SY C . 2.69 -12.03 -11.65
C22 1SY C . 1.77 -11.22 -10.86
O23 1SY C . 2.33 -11.12 -9.55
C24 1SY C . 0.49 -11.98 -10.79
C25 1SY C . -0.50 -11.59 -11.78
O26 1SY C . -0.03 -10.65 -12.74
P27 1SY C . -0.90 -9.32 -12.57
O28 1SY C . 0.22 -8.15 -12.89
O29 1SY C . -1.94 -9.35 -13.67
O30 1SY C . -1.64 -9.19 -11.30
O31 1SY C . 0.86 -13.35 -10.98
C32 1SY C . 2.21 -13.38 -11.45
N33 1SY C . 2.19 -13.95 -12.73
C34 1SY C . 1.49 -13.60 -13.83
N35 1SY C . 1.81 -14.44 -14.82
C36 1SY C . 2.96 -15.01 -13.05
C37 1SY C . 2.73 -15.32 -14.33
C38 1SY C . 3.45 -16.47 -14.96
N39 1SY C . 4.36 -17.22 -14.20
C40 1SY C . 4.59 -16.88 -12.84
N41 1SY C . 5.49 -17.62 -12.06
N42 1SY C . 3.89 -15.78 -12.24
O43 1SY C . 3.25 -16.74 -16.11
O44 1SY C . 4.68 -9.49 -10.56
O4' 1SY C . 3.15 -8.04 -14.89
#